data_3JYQ
#
_entry.id   3JYQ
#
_cell.length_a   120.92
_cell.length_b   63.39
_cell.length_c   35.67
_cell.angle_alpha   90.00
_cell.angle_beta   94.34
_cell.angle_gamma   90.00
#
_symmetry.space_group_name_H-M   'C 1 2 1'
#
loop_
_entity.id
_entity.type
_entity.pdbx_description
1 polymer 'Quinate/shikimate dehydrogenase'
2 non-polymer NICOTINAMIDE-ADENINE-DINUCLEOTIDE
3 non-polymer '(3R,4S,5R)-3,4,5-TRIHYDROXYCYCLOHEX-1-ENE-1-CARBOXYLIC ACID'
4 water water
#
_entity_poly.entity_id   1
_entity_poly.type   'polypeptide(L)'
_entity_poly.pdbx_seq_one_letter_code
;MNDSILLGLIGQGLDLSRTPAMHEAEGLAQGRATVYRRIDTLGSRASGQDLKTLLDAALYLGFNGLNITHPYKQAVLPLL
DEVSEQATQLGAVNTVVIDATGHTTGHNTDVSGFGRGMEEGLPNAKLDSVVQVGAGGVGNAVAYALVTHGVQKLQVADLD
TSRAQALADVINNAVGREAVVGVDARGIEDVIAAADGVVNATPMGMPAHPGTAFDVSCLTKDHWVGDVVYMPIETELLKA
ARALGCETLDGTRMAIHQAVDAFRLFTGLEPDVSRMRETFLSL
;
_entity_poly.pdbx_strand_id   A
#
# COMPACT_ATOMS: atom_id res chain seq x y z
N ASN A 2 9.32 -24.22 -15.69
CA ASN A 2 9.32 -24.73 -14.30
C ASN A 2 10.41 -24.05 -13.45
N ASP A 3 11.10 -23.06 -14.01
CA ASP A 3 12.24 -22.37 -13.35
C ASP A 3 11.86 -21.76 -12.00
N SER A 4 12.70 -21.98 -11.01
CA SER A 4 12.44 -21.52 -9.65
C SER A 4 12.51 -19.99 -9.58
N ILE A 5 11.81 -19.43 -8.62
CA ILE A 5 11.65 -18.00 -8.47
C ILE A 5 12.21 -17.57 -7.12
N LEU A 6 12.98 -16.48 -7.12
CA LEU A 6 13.67 -15.97 -5.95
C LEU A 6 13.32 -14.50 -5.73
N LEU A 7 12.75 -14.22 -4.57
CA LEU A 7 12.22 -12.90 -4.26
C LEU A 7 12.62 -12.54 -2.83
N GLY A 8 12.52 -11.25 -2.43
CA GLY A 8 12.71 -10.89 -1.02
C GLY A 8 12.07 -9.53 -0.78
N LEU A 9 12.14 -9.14 0.48
CA LEU A 9 11.57 -7.89 0.97
C LEU A 9 12.65 -7.19 1.76
N ILE A 10 13.04 -5.99 1.34
CA ILE A 10 14.01 -5.20 2.11
C ILE A 10 13.26 -4.18 2.93
N GLY A 11 13.53 -4.19 4.25
CA GLY A 11 12.86 -3.29 5.18
C GLY A 11 13.27 -3.60 6.60
N GLN A 12 12.58 -2.99 7.57
CA GLN A 12 12.82 -3.16 8.97
C GLN A 12 11.61 -3.78 9.67
N GLY A 13 11.88 -4.77 10.49
CA GLY A 13 10.84 -5.34 11.35
C GLY A 13 9.82 -6.16 10.57
N LEU A 14 10.30 -7.19 9.91
CA LEU A 14 9.56 -7.92 8.90
C LEU A 14 8.98 -9.26 9.36
N ASP A 15 9.15 -9.64 10.62
CA ASP A 15 8.80 -11.02 11.02
C ASP A 15 7.34 -11.36 10.68
N LEU A 16 6.44 -10.40 10.82
CA LEU A 16 5.01 -10.71 10.70
C LEU A 16 4.44 -10.46 9.34
N SER A 17 5.26 -10.09 8.37
CA SER A 17 4.79 -9.89 7.05
C SER A 17 4.14 -11.14 6.51
N ARG A 18 3.00 -10.96 5.86
CA ARG A 18 2.32 -12.06 5.16
C ARG A 18 2.70 -12.14 3.69
N THR A 19 3.53 -11.22 3.23
CA THR A 19 3.89 -11.14 1.83
C THR A 19 4.76 -12.35 1.42
N PRO A 20 5.77 -12.76 2.21
CA PRO A 20 6.53 -13.94 1.77
C PRO A 20 5.66 -15.17 1.56
N ALA A 21 4.75 -15.46 2.50
CA ALA A 21 3.91 -16.64 2.34
C ALA A 21 3.03 -16.57 1.08
N MET A 22 2.46 -15.40 0.81
CA MET A 22 1.63 -15.27 -0.37
C MET A 22 2.34 -15.62 -1.66
N HIS A 23 3.56 -15.10 -1.80
CA HIS A 23 4.32 -15.31 -3.01
C HIS A 23 4.83 -16.76 -3.07
N GLU A 24 5.30 -17.30 -1.95
CA GLU A 24 5.81 -18.66 -2.02
C GLU A 24 4.69 -19.62 -2.41
N ALA A 25 3.50 -19.46 -1.83
CA ALA A 25 2.41 -20.39 -2.10
C ALA A 25 1.95 -20.25 -3.56
N GLU A 26 1.88 -19.03 -4.10
CA GLU A 26 1.37 -18.85 -5.42
C GLU A 26 2.35 -19.33 -6.47
N GLY A 27 3.63 -19.09 -6.27
CA GLY A 27 4.63 -19.68 -7.14
C GLY A 27 4.46 -21.18 -7.23
N LEU A 28 4.37 -21.83 -6.08
CA LEU A 28 4.26 -23.27 -6.04
C LEU A 28 2.98 -23.76 -6.70
N ALA A 29 1.90 -23.02 -6.49
CA ALA A 29 0.62 -23.37 -7.10
C ALA A 29 0.68 -23.31 -8.64
N GLN A 30 1.61 -22.52 -9.21
CA GLN A 30 1.79 -22.40 -10.65
C GLN A 30 3.00 -23.18 -11.13
N GLY A 31 3.44 -24.11 -10.30
CA GLY A 31 4.47 -25.08 -10.65
C GLY A 31 5.89 -24.55 -10.63
N ARG A 32 6.12 -23.52 -9.83
N ARG A 32 6.15 -23.56 -9.80
CA ARG A 32 7.43 -22.89 -9.68
CA ARG A 32 7.49 -22.96 -9.71
C ARG A 32 7.80 -22.92 -8.20
C ARG A 32 7.91 -22.80 -8.27
N ALA A 33 8.88 -23.61 -7.85
CA ALA A 33 9.41 -23.52 -6.50
C ALA A 33 9.80 -22.06 -6.28
N THR A 34 9.34 -21.48 -5.19
CA THR A 34 9.52 -20.04 -4.95
C THR A 34 10.02 -19.80 -3.52
N VAL A 35 11.13 -19.08 -3.42
CA VAL A 35 11.64 -18.61 -2.15
C VAL A 35 11.42 -17.12 -2.06
N TYR A 36 10.86 -16.66 -0.95
CA TYR A 36 10.69 -15.27 -0.72
C TYR A 36 11.27 -14.98 0.64
N ARG A 37 12.45 -14.33 0.67
CA ARG A 37 13.12 -14.04 1.95
C ARG A 37 12.88 -12.63 2.47
N ARG A 38 12.65 -12.54 3.78
CA ARG A 38 12.79 -11.27 4.44
C ARG A 38 14.28 -10.86 4.41
N ILE A 39 14.53 -9.58 4.19
CA ILE A 39 15.87 -8.99 4.21
C ILE A 39 15.76 -7.81 5.19
N ASP A 40 15.83 -8.15 6.47
CA ASP A 40 15.43 -7.26 7.55
C ASP A 40 16.66 -6.61 8.14
N THR A 41 16.76 -5.29 7.97
CA THR A 41 17.94 -4.58 8.46
C THR A 41 17.94 -4.38 9.98
N LEU A 42 16.92 -4.87 10.67
CA LEU A 42 16.98 -5.00 12.09
C LEU A 42 17.44 -6.38 12.53
N GLY A 43 17.49 -7.35 11.62
CA GLY A 43 17.80 -8.73 11.98
C GLY A 43 19.24 -9.09 11.86
N SER A 44 19.52 -10.35 12.23
CA SER A 44 20.87 -10.85 12.29
C SER A 44 21.59 -10.89 10.95
N ARG A 45 20.89 -11.15 9.85
CA ARG A 45 21.55 -11.30 8.55
C ARG A 45 22.01 -9.94 7.98
N ALA A 46 21.09 -8.97 7.91
CA ALA A 46 21.27 -7.77 7.07
C ALA A 46 21.50 -6.47 7.89
N SER A 47 21.59 -6.54 9.21
CA SER A 47 21.69 -5.28 9.99
C SER A 47 22.98 -4.51 9.73
N GLY A 48 22.87 -3.17 9.63
CA GLY A 48 24.04 -2.33 9.36
C GLY A 48 24.38 -2.14 7.90
N GLN A 49 23.76 -2.92 7.02
CA GLN A 49 24.04 -2.81 5.63
C GLN A 49 23.22 -1.70 5.01
N ASP A 50 23.87 -0.99 4.11
CA ASP A 50 23.25 0.06 3.34
C ASP A 50 22.29 -0.55 2.31
N LEU A 51 21.25 0.20 2.00
CA LEU A 51 20.28 -0.24 1.01
C LEU A 51 20.93 -0.66 -0.29
N LYS A 52 21.88 0.12 -0.78
CA LYS A 52 22.56 -0.19 -2.03
C LYS A 52 23.28 -1.54 -1.96
N THR A 53 23.91 -1.84 -0.83
CA THR A 53 24.59 -3.13 -0.64
C THR A 53 23.62 -4.29 -0.81
N LEU A 54 22.44 -4.13 -0.25
CA LEU A 54 21.45 -5.20 -0.20
C LEU A 54 20.81 -5.37 -1.57
N LEU A 55 20.53 -4.25 -2.25
CA LEU A 55 20.01 -4.28 -3.61
C LEU A 55 21.02 -4.97 -4.53
N ASP A 56 22.26 -4.51 -4.49
CA ASP A 56 23.32 -5.12 -5.29
C ASP A 56 23.46 -6.61 -4.99
N ALA A 57 23.38 -7.00 -3.71
CA ALA A 57 23.46 -8.41 -3.33
C ALA A 57 22.39 -9.20 -4.11
N ALA A 58 21.16 -8.69 -4.11
CA ALA A 58 20.07 -9.40 -4.77
C ALA A 58 20.32 -9.56 -6.25
N LEU A 59 20.96 -8.57 -6.86
CA LEU A 59 21.30 -8.68 -8.26
C LEU A 59 22.32 -9.80 -8.49
N TYR A 60 23.38 -9.81 -7.66
CA TYR A 60 24.45 -10.76 -7.86
C TYR A 60 24.01 -12.19 -7.65
N LEU A 61 23.05 -12.36 -6.72
N LEU A 61 23.07 -12.41 -6.74
CA LEU A 61 22.60 -13.68 -6.23
CA LEU A 61 22.77 -13.77 -6.35
C LEU A 61 21.53 -14.34 -7.03
C LEU A 61 21.44 -14.27 -6.95
N GLY A 62 20.99 -13.64 -8.02
CA GLY A 62 19.95 -14.23 -8.87
C GLY A 62 18.53 -14.03 -8.42
N PHE A 63 18.26 -12.99 -7.62
CA PHE A 63 16.90 -12.63 -7.33
C PHE A 63 16.20 -12.17 -8.60
N ASN A 64 14.91 -12.48 -8.68
CA ASN A 64 14.05 -12.05 -9.75
C ASN A 64 13.25 -10.82 -9.39
N GLY A 65 13.22 -10.46 -8.13
CA GLY A 65 12.45 -9.30 -7.76
C GLY A 65 12.58 -9.06 -6.30
N LEU A 66 12.22 -7.84 -5.88
CA LEU A 66 12.19 -7.47 -4.49
C LEU A 66 10.95 -6.62 -4.21
N ASN A 67 10.43 -6.76 -2.99
CA ASN A 67 9.61 -5.68 -2.48
C ASN A 67 10.46 -4.84 -1.54
N ILE A 68 10.05 -3.59 -1.37
CA ILE A 68 10.74 -2.60 -0.55
C ILE A 68 9.71 -2.01 0.36
N THR A 69 10.03 -1.95 1.64
CA THR A 69 9.14 -1.34 2.60
C THR A 69 9.90 -0.32 3.43
N HIS A 70 9.23 0.20 4.44
CA HIS A 70 9.80 1.20 5.32
C HIS A 70 11.11 0.72 5.92
N PRO A 71 12.11 1.60 5.99
CA PRO A 71 12.16 3.02 5.63
C PRO A 71 12.78 3.30 4.26
N TYR A 72 12.61 2.39 3.30
CA TYR A 72 13.39 2.48 2.07
C TYR A 72 12.65 2.80 0.79
N LYS A 73 11.34 3.07 0.84
N LYS A 73 11.33 3.05 0.86
CA LYS A 73 10.58 3.19 -0.39
CA LYS A 73 10.55 3.20 -0.37
C LYS A 73 10.85 4.46 -1.18
C LYS A 73 10.97 4.41 -1.19
N GLN A 74 11.35 5.50 -0.52
CA GLN A 74 11.84 6.67 -1.22
C GLN A 74 13.32 6.55 -1.58
N ALA A 75 14.14 6.08 -0.64
CA ALA A 75 15.58 5.98 -0.82
C ALA A 75 15.95 5.09 -1.99
N VAL A 76 15.12 4.11 -2.29
CA VAL A 76 15.47 3.15 -3.31
C VAL A 76 15.48 3.74 -4.74
N LEU A 77 14.68 4.77 -5.00
CA LEU A 77 14.47 5.23 -6.37
C LEU A 77 15.75 5.55 -7.12
N PRO A 78 16.66 6.35 -6.54
CA PRO A 78 17.86 6.70 -7.30
C PRO A 78 18.80 5.53 -7.55
N LEU A 79 18.58 4.41 -6.86
CA LEU A 79 19.41 3.25 -7.02
C LEU A 79 19.00 2.35 -8.19
N LEU A 80 17.83 2.61 -8.75
CA LEU A 80 17.24 1.73 -9.74
C LEU A 80 17.55 2.22 -11.15
N ASP A 81 17.56 1.30 -12.10
CA ASP A 81 17.81 1.65 -13.50
C ASP A 81 16.64 2.42 -14.11
N GLU A 82 15.42 2.01 -13.78
CA GLU A 82 14.19 2.57 -14.32
C GLU A 82 13.15 2.56 -13.23
N VAL A 83 12.24 3.53 -13.29
CA VAL A 83 11.14 3.62 -12.34
C VAL A 83 9.89 3.97 -13.14
N SER A 84 8.77 3.29 -12.87
CA SER A 84 7.51 3.56 -13.53
C SER A 84 7.12 4.98 -13.32
N GLU A 85 6.24 5.46 -14.18
CA GLU A 85 5.84 6.86 -14.08
C GLU A 85 5.10 7.13 -12.78
N GLN A 86 4.22 6.23 -12.37
CA GLN A 86 3.51 6.42 -11.12
C GLN A 86 4.44 6.42 -9.91
N ALA A 87 5.38 5.48 -9.85
CA ALA A 87 6.28 5.42 -8.72
C ALA A 87 7.21 6.63 -8.72
N THR A 88 7.57 7.09 -9.91
CA THR A 88 8.44 8.27 -10.05
C THR A 88 7.72 9.49 -9.50
N GLN A 89 6.47 9.68 -9.91
CA GLN A 89 5.75 10.88 -9.49
C GLN A 89 5.38 10.84 -8.03
N LEU A 90 5.05 9.66 -7.51
CA LEU A 90 4.84 9.53 -6.08
C LEU A 90 6.10 9.70 -5.28
N GLY A 91 7.23 9.32 -5.87
CA GLY A 91 8.49 9.27 -5.16
C GLY A 91 8.62 8.10 -4.22
N ALA A 92 7.98 6.97 -4.54
CA ALA A 92 7.97 5.81 -3.66
C ALA A 92 7.83 4.54 -4.50
N VAL A 93 8.72 3.58 -4.28
CA VAL A 93 8.73 2.28 -4.95
C VAL A 93 8.59 1.19 -3.88
N ASN A 94 7.68 0.24 -4.11
CA ASN A 94 7.57 -0.90 -3.23
C ASN A 94 7.90 -2.23 -3.92
N THR A 95 8.17 -2.17 -5.23
CA THR A 95 8.34 -3.37 -6.05
C THR A 95 9.45 -3.12 -7.04
N VAL A 96 10.43 -4.01 -7.08
CA VAL A 96 11.56 -3.91 -7.98
C VAL A 96 11.62 -5.21 -8.79
N VAL A 97 11.46 -5.09 -10.09
CA VAL A 97 11.56 -6.21 -11.00
C VAL A 97 13.02 -6.27 -11.44
N ILE A 98 13.65 -7.43 -11.32
CA ILE A 98 15.04 -7.61 -11.72
C ILE A 98 15.04 -8.52 -12.91
N ASP A 99 15.52 -7.98 -14.04
N ASP A 99 15.47 -8.01 -14.06
CA ASP A 99 15.55 -8.68 -15.34
CA ASP A 99 15.41 -8.82 -15.28
C ASP A 99 16.55 -9.83 -15.28
C ASP A 99 16.52 -9.87 -15.25
N ALA A 100 16.48 -10.79 -16.21
CA ALA A 100 17.39 -11.95 -16.17
C ALA A 100 18.84 -11.53 -15.97
N THR A 101 19.23 -10.45 -16.61
CA THR A 101 20.60 -10.00 -16.60
C THR A 101 20.93 -8.91 -15.58
N GLY A 102 19.99 -8.58 -14.67
CA GLY A 102 20.30 -7.73 -13.49
C GLY A 102 19.75 -6.29 -13.47
N HIS A 103 19.06 -5.88 -14.51
CA HIS A 103 18.52 -4.52 -14.61
C HIS A 103 17.32 -4.41 -13.69
N THR A 104 17.16 -3.24 -13.06
CA THR A 104 16.07 -3.03 -12.08
C THR A 104 15.05 -2.01 -12.58
N THR A 105 13.77 -2.34 -12.37
CA THR A 105 12.66 -1.43 -12.61
C THR A 105 11.80 -1.36 -11.37
N GLY A 106 11.60 -0.13 -10.89
CA GLY A 106 10.74 0.14 -9.77
C GLY A 106 9.29 0.39 -10.15
N HIS A 107 8.39 -0.12 -9.33
CA HIS A 107 6.94 0.04 -9.50
C HIS A 107 6.33 0.30 -8.14
N ASN A 108 5.07 0.72 -8.13
CA ASN A 108 4.35 0.86 -6.89
C ASN A 108 3.03 0.13 -6.92
N THR A 109 3.01 -1.02 -6.29
CA THR A 109 1.80 -1.83 -6.22
C THR A 109 0.97 -1.56 -4.97
N ASP A 110 1.46 -0.72 -4.05
CA ASP A 110 0.57 -0.16 -3.04
C ASP A 110 -0.53 0.70 -3.71
N VAL A 111 -0.13 1.49 -4.70
CA VAL A 111 -1.07 2.34 -5.44
C VAL A 111 -2.04 1.46 -6.24
N SER A 112 -1.52 0.56 -7.05
CA SER A 112 -2.38 -0.27 -7.86
C SER A 112 -3.22 -1.19 -7.01
N GLY A 113 -2.67 -1.69 -5.92
CA GLY A 113 -3.40 -2.59 -5.01
C GLY A 113 -4.54 -1.91 -4.30
N PHE A 114 -4.34 -0.68 -3.83
CA PHE A 114 -5.43 0.00 -3.14
C PHE A 114 -6.53 0.30 -4.18
N GLY A 115 -6.15 0.75 -5.36
CA GLY A 115 -7.11 1.00 -6.43
C GLY A 115 -7.91 -0.23 -6.79
N ARG A 116 -7.24 -1.36 -6.90
CA ARG A 116 -7.95 -2.59 -7.17
C ARG A 116 -8.93 -2.92 -6.04
N GLY A 117 -8.54 -2.71 -4.79
CA GLY A 117 -9.41 -2.90 -3.66
C GLY A 117 -10.67 -2.04 -3.76
N MET A 118 -10.55 -0.79 -4.21
N MET A 118 -10.53 -0.79 -4.21
CA MET A 118 -11.73 0.03 -4.42
CA MET A 118 -11.66 0.09 -4.47
C MET A 118 -12.64 -0.59 -5.47
C MET A 118 -12.62 -0.51 -5.50
N GLU A 119 -12.05 -1.04 -6.58
CA GLU A 119 -12.86 -1.64 -7.63
C GLU A 119 -13.57 -2.91 -7.15
N GLU A 120 -12.85 -3.70 -6.38
CA GLU A 120 -13.33 -4.99 -5.93
C GLU A 120 -14.35 -4.88 -4.80
N GLY A 121 -14.09 -3.97 -3.85
CA GLY A 121 -14.87 -3.89 -2.62
C GLY A 121 -15.76 -2.67 -2.47
N LEU A 122 -15.58 -1.65 -3.31
CA LEU A 122 -16.43 -0.46 -3.31
C LEU A 122 -16.86 -0.08 -4.75
N PRO A 123 -17.36 -1.03 -5.55
CA PRO A 123 -17.61 -0.74 -6.92
C PRO A 123 -18.64 0.36 -7.18
N ASN A 124 -19.57 0.57 -6.25
CA ASN A 124 -20.63 1.54 -6.41
C ASN A 124 -20.44 2.82 -5.58
N ALA A 125 -19.27 2.99 -4.96
CA ALA A 125 -19.06 4.10 -4.02
C ALA A 125 -19.10 5.44 -4.75
N LYS A 126 -19.69 6.44 -4.09
CA LYS A 126 -19.67 7.81 -4.56
C LYS A 126 -18.33 8.46 -4.16
N LEU A 127 -17.68 9.09 -5.14
CA LEU A 127 -16.28 9.47 -4.99
C LEU A 127 -16.03 10.96 -5.10
N ASP A 128 -17.09 11.77 -5.12
CA ASP A 128 -16.89 13.20 -5.36
C ASP A 128 -16.01 13.86 -4.29
N SER A 129 -16.24 13.53 -3.03
CA SER A 129 -15.54 14.13 -1.91
C SER A 129 -15.20 13.10 -0.88
N VAL A 130 -13.89 12.94 -0.67
CA VAL A 130 -13.41 11.96 0.28
C VAL A 130 -12.42 12.63 1.23
N VAL A 131 -12.40 12.12 2.46
CA VAL A 131 -11.43 12.53 3.45
C VAL A 131 -10.51 11.35 3.73
N GLN A 132 -9.22 11.64 3.83
CA GLN A 132 -8.24 10.64 4.28
C GLN A 132 -7.57 11.19 5.56
N VAL A 133 -7.55 10.38 6.60
CA VAL A 133 -6.89 10.73 7.84
C VAL A 133 -5.58 9.97 7.89
N GLY A 134 -4.47 10.70 7.87
CA GLY A 134 -3.16 10.07 7.89
C GLY A 134 -2.42 10.25 6.58
N ALA A 135 -1.23 10.82 6.64
CA ALA A 135 -0.41 11.09 5.46
C ALA A 135 0.96 10.45 5.55
N GLY A 136 1.16 9.47 6.41
CA GLY A 136 2.43 8.75 6.35
C GLY A 136 2.77 7.99 5.05
N GLY A 137 3.60 6.98 5.30
CA GLY A 137 4.01 6.01 4.33
C GLY A 137 2.88 5.48 3.53
N VAL A 138 2.01 4.64 4.09
CA VAL A 138 1.03 4.02 3.19
C VAL A 138 0.02 5.05 2.69
N GLY A 139 -0.20 6.11 3.46
CA GLY A 139 -1.16 7.14 3.11
C GLY A 139 -0.83 7.84 1.79
N ASN A 140 0.45 8.00 1.47
N ASN A 140 0.47 7.92 1.48
CA ASN A 140 0.76 8.61 0.20
CA ASN A 140 0.89 8.51 0.23
C ASN A 140 0.22 7.75 -0.95
C ASN A 140 0.41 7.75 -0.99
N ALA A 141 0.49 6.43 -0.92
CA ALA A 141 0.02 5.56 -1.98
C ALA A 141 -1.49 5.51 -2.02
N VAL A 142 -2.15 5.46 -0.88
CA VAL A 142 -3.60 5.45 -0.82
C VAL A 142 -4.19 6.71 -1.45
N ALA A 143 -3.63 7.86 -1.14
CA ALA A 143 -4.13 9.11 -1.68
C ALA A 143 -3.99 9.12 -3.22
N TYR A 144 -2.84 8.69 -3.73
CA TYR A 144 -2.63 8.64 -5.18
C TYR A 144 -3.63 7.70 -5.84
N ALA A 145 -3.85 6.54 -5.23
CA ALA A 145 -4.82 5.57 -5.71
C ALA A 145 -6.22 6.17 -5.73
N LEU A 146 -6.61 6.83 -4.66
CA LEU A 146 -7.94 7.40 -4.56
C LEU A 146 -8.20 8.35 -5.74
N VAL A 147 -7.29 9.30 -5.96
CA VAL A 147 -7.53 10.33 -6.93
C VAL A 147 -7.30 9.92 -8.39
N THR A 148 -6.67 8.75 -8.58
CA THR A 148 -6.53 8.13 -9.89
C THR A 148 -7.60 7.09 -10.21
N HIS A 149 -8.42 6.75 -9.22
CA HIS A 149 -9.51 5.80 -9.37
C HIS A 149 -10.88 6.50 -9.11
N GLY A 150 -10.94 7.80 -9.38
CA GLY A 150 -12.18 8.54 -9.53
C GLY A 150 -12.53 9.54 -8.46
N VAL A 151 -11.68 9.73 -7.45
CA VAL A 151 -11.98 10.72 -6.39
C VAL A 151 -11.70 12.13 -6.95
N GLN A 152 -12.72 12.98 -6.91
CA GLN A 152 -12.59 14.32 -7.42
C GLN A 152 -11.88 15.26 -6.46
N LYS A 153 -12.24 15.22 -5.19
CA LYS A 153 -11.60 16.06 -4.21
C LYS A 153 -11.29 15.20 -3.00
N LEU A 154 -10.01 15.13 -2.68
CA LEU A 154 -9.54 14.45 -1.49
C LEU A 154 -8.99 15.44 -0.48
N GLN A 155 -9.50 15.41 0.74
CA GLN A 155 -8.99 16.23 1.82
C GLN A 155 -8.22 15.31 2.72
N VAL A 156 -6.93 15.62 2.91
CA VAL A 156 -6.03 14.81 3.71
C VAL A 156 -5.65 15.56 4.98
N ALA A 157 -5.88 14.92 6.12
CA ALA A 157 -5.55 15.46 7.43
C ALA A 157 -4.45 14.61 8.03
N ASP A 158 -3.49 15.25 8.67
CA ASP A 158 -2.50 14.56 9.49
C ASP A 158 -2.21 15.46 10.66
N LEU A 159 -1.92 14.87 11.81
CA LEU A 159 -1.47 15.66 12.97
C LEU A 159 -0.31 16.58 12.57
N ASP A 160 0.58 16.08 11.72
CA ASP A 160 1.65 16.88 11.15
C ASP A 160 1.16 17.51 9.85
N THR A 161 0.72 18.75 9.94
CA THR A 161 0.12 19.45 8.81
C THR A 161 1.11 19.46 7.62
N SER A 162 2.40 19.59 7.92
CA SER A 162 3.41 19.63 6.89
C SER A 162 3.42 18.36 6.06
N ARG A 163 3.18 17.21 6.66
CA ARG A 163 3.14 15.94 5.96
C ARG A 163 1.93 15.90 5.03
N ALA A 164 0.81 16.41 5.51
CA ALA A 164 -0.37 16.42 4.67
C ALA A 164 -0.19 17.35 3.48
N GLN A 165 0.41 18.52 3.71
CA GLN A 165 0.58 19.45 2.61
C GLN A 165 1.62 19.00 1.59
N ALA A 166 2.66 18.31 2.05
CA ALA A 166 3.66 17.72 1.16
C ALA A 166 3.04 16.64 0.29
N LEU A 167 2.20 15.80 0.93
N LEU A 167 2.17 15.82 0.88
CA LEU A 167 1.43 14.79 0.22
CA LEU A 167 1.52 14.79 0.12
C LEU A 167 0.63 15.44 -0.89
C LEU A 167 0.55 15.40 -0.91
N ALA A 168 -0.17 16.45 -0.52
CA ALA A 168 -1.02 17.13 -1.48
C ALA A 168 -0.21 17.64 -2.65
N ASP A 169 0.93 18.24 -2.40
CA ASP A 169 1.75 18.77 -3.49
C ASP A 169 2.22 17.67 -4.42
N VAL A 170 2.71 16.58 -3.87
CA VAL A 170 3.18 15.44 -4.63
C VAL A 170 2.08 14.85 -5.50
N ILE A 171 0.93 14.59 -4.91
N ILE A 171 0.91 14.61 -4.91
CA ILE A 171 -0.12 13.98 -5.70
CA ILE A 171 -0.19 13.99 -5.65
C ILE A 171 -0.64 14.93 -6.77
C ILE A 171 -0.76 14.91 -6.73
N ASN A 172 -0.89 16.18 -6.39
CA ASN A 172 -1.42 17.12 -7.36
C ASN A 172 -0.48 17.28 -8.56
N ASN A 173 0.82 17.26 -8.30
CA ASN A 173 1.78 17.30 -9.41
C ASN A 173 1.68 16.02 -10.25
N ALA A 174 1.51 14.87 -9.57
CA ALA A 174 1.46 13.57 -10.26
C ALA A 174 0.28 13.50 -11.24
N VAL A 175 -0.87 14.04 -10.83
N VAL A 175 -0.87 14.03 -10.84
CA VAL A 175 -2.09 13.92 -11.58
CA VAL A 175 -2.12 13.91 -11.62
C VAL A 175 -2.30 15.09 -12.52
C VAL A 175 -2.47 15.17 -12.41
N GLY A 176 -1.74 16.25 -12.18
CA GLY A 176 -1.91 17.47 -12.99
C GLY A 176 -3.17 18.26 -12.72
N ARG A 177 -3.69 18.17 -11.49
CA ARG A 177 -4.83 18.96 -11.07
C ARG A 177 -4.79 19.08 -9.57
N GLU A 178 -5.57 20.01 -9.04
CA GLU A 178 -5.65 20.16 -7.59
C GLU A 178 -6.67 19.16 -7.04
N ALA A 179 -6.24 17.92 -7.00
CA ALA A 179 -7.06 16.84 -6.50
C ALA A 179 -7.12 16.77 -4.98
N VAL A 180 -6.01 17.16 -4.32
CA VAL A 180 -5.82 16.95 -2.91
C VAL A 180 -5.59 18.28 -2.23
N VAL A 181 -6.19 18.41 -1.05
N VAL A 181 -6.19 18.46 -1.06
CA VAL A 181 -6.02 19.56 -0.19
CA VAL A 181 -5.86 19.59 -0.24
C VAL A 181 -5.63 19.04 1.20
C VAL A 181 -5.69 19.15 1.19
N GLY A 182 -4.59 19.61 1.80
CA GLY A 182 -4.34 19.37 3.22
C GLY A 182 -5.34 20.15 4.03
N VAL A 183 -5.93 19.51 5.03
CA VAL A 183 -6.84 20.15 5.99
C VAL A 183 -6.42 19.84 7.40
N ASP A 184 -6.80 20.69 8.33
CA ASP A 184 -6.41 20.48 9.72
C ASP A 184 -7.00 19.19 10.25
N ALA A 185 -6.22 18.48 11.06
CA ALA A 185 -6.79 17.36 11.83
C ALA A 185 -7.83 17.83 12.83
N ARG A 186 -7.60 18.98 13.45
CA ARG A 186 -8.55 19.47 14.44
C ARG A 186 -9.83 19.87 13.74
N GLY A 187 -10.96 19.33 14.18
CA GLY A 187 -12.24 19.59 13.56
C GLY A 187 -12.52 18.75 12.31
N ILE A 188 -11.76 17.67 12.14
CA ILE A 188 -11.90 16.86 10.93
C ILE A 188 -13.29 16.22 10.82
N GLU A 189 -13.96 15.99 11.94
CA GLU A 189 -15.29 15.41 11.95
C GLU A 189 -16.27 16.18 11.08
N ASP A 190 -16.24 17.50 11.13
CA ASP A 190 -17.17 18.29 10.35
C ASP A 190 -16.87 18.15 8.85
N VAL A 191 -15.60 18.00 8.52
CA VAL A 191 -15.20 17.79 7.14
C VAL A 191 -15.68 16.41 6.64
N ILE A 192 -15.49 15.38 7.46
CA ILE A 192 -15.93 14.04 7.12
C ILE A 192 -17.45 14.01 6.97
N ALA A 193 -18.17 14.71 7.84
CA ALA A 193 -19.63 14.66 7.84
C ALA A 193 -20.19 15.10 6.50
N ALA A 194 -19.52 16.09 5.90
CA ALA A 194 -19.91 16.65 4.60
C ALA A 194 -19.44 15.86 3.38
N ALA A 195 -18.54 14.91 3.56
CA ALA A 195 -17.94 14.14 2.51
C ALA A 195 -18.73 12.85 2.19
N ASP A 196 -18.40 12.22 1.08
CA ASP A 196 -18.99 10.96 0.68
C ASP A 196 -18.36 9.74 1.33
N GLY A 197 -17.09 9.85 1.68
CA GLY A 197 -16.38 8.73 2.27
C GLY A 197 -15.17 9.18 3.02
N VAL A 198 -14.65 8.27 3.84
CA VAL A 198 -13.48 8.54 4.63
C VAL A 198 -12.62 7.30 4.76
N VAL A 199 -11.30 7.48 4.66
CA VAL A 199 -10.34 6.42 4.79
C VAL A 199 -9.38 6.70 5.95
N ASN A 200 -9.25 5.74 6.87
CA ASN A 200 -8.21 5.74 7.87
C ASN A 200 -6.90 5.23 7.31
N ALA A 201 -5.88 6.12 7.31
CA ALA A 201 -4.53 5.74 6.96
C ALA A 201 -3.59 5.98 8.15
N THR A 202 -4.08 5.86 9.37
CA THR A 202 -3.27 5.94 10.56
C THR A 202 -3.19 4.56 11.17
N PRO A 203 -2.32 4.41 12.21
CA PRO A 203 -2.26 3.15 12.92
C PRO A 203 -3.48 2.85 13.79
N MET A 204 -4.36 3.82 14.01
CA MET A 204 -5.48 3.62 14.93
C MET A 204 -6.31 2.46 14.49
N GLY A 205 -6.71 1.65 15.46
CA GLY A 205 -7.44 0.43 15.25
C GLY A 205 -6.62 -0.84 15.45
N MET A 206 -5.30 -0.72 15.33
CA MET A 206 -4.40 -1.83 15.67
C MET A 206 -4.45 -2.12 17.17
N PRO A 207 -4.13 -3.35 17.59
CA PRO A 207 -4.10 -3.70 19.02
C PRO A 207 -3.26 -2.76 19.89
N ALA A 208 -2.17 -2.26 19.33
CA ALA A 208 -1.29 -1.37 20.07
C ALA A 208 -1.71 0.10 19.92
N HIS A 209 -2.71 0.38 19.08
CA HIS A 209 -3.26 1.76 18.90
C HIS A 209 -4.77 1.73 18.92
N PRO A 210 -5.33 1.22 20.06
CA PRO A 210 -6.78 1.01 20.07
C PRO A 210 -7.58 2.31 19.95
N GLY A 211 -8.71 2.20 19.28
CA GLY A 211 -9.62 3.33 19.09
C GLY A 211 -9.73 3.72 17.63
N THR A 212 -10.11 4.98 17.41
CA THR A 212 -10.35 5.51 16.07
C THR A 212 -9.64 6.87 15.91
N ALA A 213 -9.35 7.28 14.68
CA ALA A 213 -8.62 8.52 14.45
C ALA A 213 -9.51 9.75 14.52
N PHE A 214 -10.82 9.54 14.64
CA PHE A 214 -11.77 10.63 14.73
C PHE A 214 -13.02 10.07 15.39
N ASP A 215 -13.92 10.96 15.78
CA ASP A 215 -15.13 10.55 16.47
C ASP A 215 -16.13 10.00 15.45
N VAL A 216 -16.47 8.72 15.61
CA VAL A 216 -17.31 8.06 14.64
C VAL A 216 -18.76 8.54 14.63
N SER A 217 -19.13 9.39 15.57
CA SER A 217 -20.47 9.95 15.56
C SER A 217 -20.70 10.86 14.37
N CYS A 218 -19.64 11.28 13.68
CA CYS A 218 -19.81 12.08 12.47
C CYS A 218 -20.20 11.27 11.23
N LEU A 219 -20.14 9.94 11.32
CA LEU A 219 -20.54 9.09 10.22
C LEU A 219 -22.05 9.03 10.08
N THR A 220 -22.50 8.82 8.85
CA THR A 220 -23.89 8.54 8.54
C THR A 220 -23.97 7.28 7.72
N LYS A 221 -25.18 6.75 7.64
CA LYS A 221 -25.49 5.58 6.85
C LYS A 221 -25.14 5.73 5.38
N ASP A 222 -25.01 6.94 4.90
CA ASP A 222 -24.74 7.17 3.51
C ASP A 222 -23.25 7.22 3.20
N HIS A 223 -22.40 7.37 4.21
CA HIS A 223 -20.95 7.31 3.99
C HIS A 223 -20.50 5.91 3.57
N TRP A 224 -19.38 5.85 2.86
CA TRP A 224 -18.54 4.65 2.87
C TRP A 224 -17.29 4.91 3.67
N VAL A 225 -16.70 3.84 4.20
CA VAL A 225 -15.56 3.96 5.08
C VAL A 225 -14.52 2.91 4.73
N GLY A 226 -13.27 3.35 4.60
CA GLY A 226 -12.15 2.45 4.38
C GLY A 226 -11.12 2.54 5.47
N ASP A 227 -10.31 1.50 5.56
CA ASP A 227 -9.27 1.41 6.58
C ASP A 227 -8.07 0.71 5.99
N VAL A 228 -6.88 1.22 6.25
CA VAL A 228 -5.65 0.55 5.89
C VAL A 228 -5.21 -0.55 6.83
N VAL A 229 -5.68 -0.51 8.06
CA VAL A 229 -5.30 -1.48 9.06
C VAL A 229 -5.90 -2.80 8.62
N TYR A 230 -5.10 -3.85 8.70
CA TYR A 230 -5.60 -5.17 8.27
C TYR A 230 -5.60 -6.20 9.36
N MET A 231 -5.10 -5.83 10.53
CA MET A 231 -5.19 -6.67 11.70
C MET A 231 -5.46 -5.74 12.88
N PRO A 232 -6.68 -5.79 13.42
CA PRO A 232 -7.78 -6.66 13.02
C PRO A 232 -8.39 -6.26 11.68
N ILE A 233 -9.08 -7.19 11.04
CA ILE A 233 -9.75 -6.88 9.80
C ILE A 233 -10.90 -5.94 10.07
N GLU A 234 -11.67 -6.19 11.12
CA GLU A 234 -12.76 -5.33 11.47
C GLU A 234 -12.29 -4.42 12.60
N THR A 235 -11.77 -3.28 12.23
CA THR A 235 -11.37 -2.29 13.21
C THR A 235 -12.60 -1.65 13.86
N GLU A 236 -12.39 -0.98 14.97
CA GLU A 236 -13.46 -0.23 15.62
C GLU A 236 -14.13 0.72 14.65
N LEU A 237 -13.36 1.40 13.82
CA LEU A 237 -13.91 2.29 12.81
C LEU A 237 -14.85 1.54 11.86
N LEU A 238 -14.40 0.41 11.33
CA LEU A 238 -15.24 -0.31 10.37
C LEU A 238 -16.46 -0.92 11.04
N LYS A 239 -16.35 -1.34 12.29
CA LYS A 239 -17.50 -1.78 13.09
C LYS A 239 -18.55 -0.69 13.20
N ALA A 240 -18.11 0.53 13.48
CA ALA A 240 -19.03 1.63 13.64
C ALA A 240 -19.71 1.95 12.31
N ALA A 241 -18.96 1.93 11.21
CA ALA A 241 -19.52 2.16 9.92
C ALA A 241 -20.57 1.09 9.57
N ARG A 242 -20.19 -0.17 9.73
CA ARG A 242 -21.08 -1.27 9.43
C ARG A 242 -22.37 -1.22 10.25
N ALA A 243 -22.27 -0.76 11.48
CA ALA A 243 -23.45 -0.63 12.33
C ALA A 243 -24.49 0.32 11.74
N LEU A 244 -24.03 1.33 10.99
CA LEU A 244 -24.93 2.29 10.33
C LEU A 244 -25.43 1.83 8.98
N GLY A 245 -24.90 0.72 8.46
CA GLY A 245 -25.23 0.24 7.11
C GLY A 245 -24.31 0.72 6.04
N CYS A 246 -23.17 1.30 6.41
CA CYS A 246 -22.19 1.81 5.43
C CYS A 246 -21.50 0.67 4.74
N GLU A 247 -21.22 0.85 3.47
CA GLU A 247 -20.23 0.02 2.79
C GLU A 247 -18.85 0.32 3.40
N THR A 248 -18.05 -0.74 3.50
CA THR A 248 -16.74 -0.64 4.07
C THR A 248 -15.70 -1.34 3.21
N LEU A 249 -14.49 -0.79 3.29
CA LEU A 249 -13.31 -1.34 2.60
C LEU A 249 -12.27 -1.67 3.65
N ASP A 250 -12.03 -2.96 3.87
CA ASP A 250 -11.08 -3.37 4.86
C ASP A 250 -9.67 -3.43 4.32
N GLY A 251 -8.69 -3.38 5.21
CA GLY A 251 -7.31 -3.23 4.80
C GLY A 251 -6.69 -4.44 4.16
N THR A 252 -7.34 -5.59 4.25
CA THR A 252 -6.79 -6.77 3.61
C THR A 252 -6.78 -6.64 2.09
N ARG A 253 -7.68 -5.85 1.50
CA ARG A 253 -7.76 -5.80 0.06
C ARG A 253 -6.48 -5.23 -0.53
N MET A 254 -6.03 -4.10 0.00
CA MET A 254 -4.76 -3.53 -0.46
C MET A 254 -3.58 -4.44 -0.17
N ALA A 255 -3.57 -5.05 1.02
CA ALA A 255 -2.45 -5.90 1.42
C ALA A 255 -2.33 -7.11 0.51
N ILE A 256 -3.46 -7.66 0.07
CA ILE A 256 -3.47 -8.79 -0.84
C ILE A 256 -3.11 -8.33 -2.26
N HIS A 257 -3.78 -7.27 -2.73
CA HIS A 257 -3.59 -6.87 -4.10
C HIS A 257 -2.23 -6.28 -4.40
N GLN A 258 -1.56 -5.67 -3.41
CA GLN A 258 -0.20 -5.24 -3.67
C GLN A 258 0.66 -6.45 -4.05
N ALA A 259 0.42 -7.58 -3.37
CA ALA A 259 1.15 -8.81 -3.61
C ALA A 259 0.70 -9.47 -4.95
N VAL A 260 -0.60 -9.46 -5.26
CA VAL A 260 -1.08 -9.94 -6.55
C VAL A 260 -0.36 -9.21 -7.67
N ASP A 261 -0.34 -7.89 -7.54
CA ASP A 261 0.20 -7.09 -8.60
C ASP A 261 1.72 -7.24 -8.70
N ALA A 262 2.39 -7.32 -7.57
CA ALA A 262 3.83 -7.55 -7.60
C ALA A 262 4.16 -8.93 -8.18
N PHE A 263 3.41 -9.95 -7.80
CA PHE A 263 3.68 -11.30 -8.31
C PHE A 263 3.60 -11.30 -9.83
N ARG A 264 2.58 -10.65 -10.40
CA ARG A 264 2.47 -10.52 -11.81
C ARG A 264 3.68 -9.82 -12.43
N LEU A 265 4.12 -8.72 -11.83
CA LEU A 265 5.29 -8.00 -12.31
C LEU A 265 6.56 -8.85 -12.21
N PHE A 266 6.72 -9.52 -11.09
CA PHE A 266 7.94 -10.33 -10.89
C PHE A 266 8.06 -11.50 -11.85
N THR A 267 6.95 -12.12 -12.21
CA THR A 267 6.98 -13.43 -12.84
C THR A 267 6.41 -13.49 -14.23
N GLY A 268 5.55 -12.52 -14.57
CA GLY A 268 4.84 -12.58 -15.85
C GLY A 268 3.69 -13.57 -15.87
N LEU A 269 3.40 -14.18 -14.72
CA LEU A 269 2.28 -15.11 -14.55
C LEU A 269 1.07 -14.36 -14.06
N GLU A 270 -0.12 -14.86 -14.35
CA GLU A 270 -1.35 -14.26 -13.89
C GLU A 270 -1.68 -14.89 -12.54
N PRO A 271 -1.57 -14.10 -11.47
CA PRO A 271 -1.82 -14.66 -10.17
C PRO A 271 -3.28 -15.01 -9.97
N ASP A 272 -3.53 -16.00 -9.13
CA ASP A 272 -4.88 -16.35 -8.72
C ASP A 272 -5.20 -15.59 -7.44
N VAL A 273 -6.09 -14.62 -7.56
CA VAL A 273 -6.38 -13.73 -6.47
C VAL A 273 -6.96 -14.48 -5.30
N SER A 274 -7.89 -15.40 -5.57
CA SER A 274 -8.51 -16.12 -4.46
C SER A 274 -7.51 -16.97 -3.69
N ARG A 275 -6.55 -17.57 -4.36
CA ARG A 275 -5.51 -18.32 -3.66
C ARG A 275 -4.65 -17.42 -2.79
N MET A 276 -4.25 -16.28 -3.29
CA MET A 276 -3.41 -15.36 -2.51
C MET A 276 -4.16 -14.77 -1.35
N ARG A 277 -5.43 -14.46 -1.55
CA ARG A 277 -6.30 -14.04 -0.47
C ARG A 277 -6.42 -15.11 0.60
N GLU A 278 -6.63 -16.35 0.18
N GLU A 278 -6.58 -16.36 0.22
CA GLU A 278 -6.68 -17.50 1.08
CA GLU A 278 -6.72 -17.40 1.23
C GLU A 278 -5.42 -17.55 1.93
C GLU A 278 -5.40 -17.67 1.94
N THR A 279 -4.25 -17.49 1.30
CA THR A 279 -2.99 -17.55 2.05
C THR A 279 -2.93 -16.42 3.08
N PHE A 280 -3.26 -15.21 2.66
CA PHE A 280 -3.22 -14.06 3.53
C PHE A 280 -4.05 -14.29 4.78
N LEU A 281 -5.29 -14.74 4.59
CA LEU A 281 -6.24 -14.92 5.67
C LEU A 281 -5.87 -16.08 6.57
N SER A 282 -5.08 -17.02 6.06
CA SER A 282 -4.70 -18.20 6.83
C SER A 282 -3.59 -17.97 7.86
N LEU A 283 -2.98 -16.79 7.83
CA LEU A 283 -1.82 -16.48 8.65
C LEU A 283 -2.14 -15.57 9.84
#